data_1PDT
#
_entry.id   1PDT
#
_cell.length_a   1.000
_cell.length_b   1.000
_cell.length_c   1.000
_cell.angle_alpha   90.00
_cell.angle_beta   90.00
_cell.angle_gamma   90.00
#
_symmetry.space_group_name_H-M   'P 1'
#
loop_
_entity.id
_entity.type
_entity.pdbx_description
1 polymer "DNA (5'-D(*GP*AP*CP*AP*TP*AP*GP*C)-3'"
2 polymer 'PEPTIDE NUCLEIC ACID (COOH-P(*G*C*T*A*T*G*T*C)-NH2)'
#
loop_
_entity_poly.entity_id
_entity_poly.type
_entity_poly.pdbx_seq_one_letter_code
_entity_poly.pdbx_strand_id
1 'polydeoxyribonucleotide' (DG)(DA)(DC)(DA)(DT)(DA)(DG)(DC) A
2 'polydeoxyribonucleotide' (GPN)(CPN)(TPN)(APN)(TPN)(GPN)(TPN)(CPN)(NH2) B
#